data_7M0X
#
_entry.id   7M0X
#
_cell.length_a   116.527
_cell.length_b   116.527
_cell.length_c   130.712
_cell.angle_alpha   90.000
_cell.angle_beta   90.000
_cell.angle_gamma   120.000
#
_symmetry.space_group_name_H-M   'P 31 2 1'
#
loop_
_entity.id
_entity.type
_entity.pdbx_description
1 polymer 'Serine/threonine-protein kinase B-raf'
2 polymer 'Dual specificity mitogen-activated protein kinase kinase 1'
3 non-polymer 'PHOSPHOAMINOPHOSPHONIC ACID-ADENYLATE ESTER'
4 non-polymer 'MAGNESIUM ION'
5 non-polymer 'CHLORIDE ION'
6 non-polymer N-{[(2R)-2,3-dihydroxypropyl]oxy}-3,4-difluoro-2-[(2-fluoro-4-iodophenyl)amino]benzamide
7 non-polymer 'SULFATE ION'
8 non-polymer GLYCEROL
9 water water
#
loop_
_entity_poly.entity_id
_entity_poly.type
_entity_poly.pdbx_seq_one_letter_code
_entity_poly.pdbx_strand_id
1 'polypeptide(L)'
;GGGRDSSDDWEIPDGQITVGQRIGSGSFGTVYKGKWHGDVAVKMLNVTAPTPQQLQAFKNEVGVLRKTRHVNILLFMGYS
TKPQLAIVTQWCEGSSLYHHLHIIETKFEMIKLIDIARQTAQGMDYLHAKSIIHRDLKSNNIFLHEDLTVKIGDFGLATV
KSRWSGSHQFEQLSGSILWMAPEVIRMQDKNPYSFQSDVYAFGIVLYELMTGQLPYSNINNRDQIIFMVGRGYLSPDLSK
VRSNCPKAMKRLMAECLKKKRDERPLFPQILASIELLARSLPK
;
A
2 'polypeptide(L)'
;GGGRMPKKKPTPIQLNPAPDGSAVNGTSSAETNLEALQKKLEELELDEQQRKRLEAFLTQKQKVGELKDDDFEKISELGA
GNGGVVFKVSHKPSGLVMARKLIHLEIKPAIRNQIIRELQVLHECNSPYIVGFYGAFYSDGEISICMEHMDGGSLDQVLK
KAGRIPEQILGKVSIAVIKGLTYLREKHKIMHRDVKPSNILVNSRGEIKLCDFGVSGQLIDAMANAFVGTRSYMSPERLQ
GTHYSVQSDIWSMGLSLVEMAVGRYPIPPPDAKELELMFGCQVEGDAAETPPRPRTPGRPLSSYGMDSRPPMAIFELLDY
IVNEPPPKLPSGVFSLEFQDFVNKCLIKNPAERADLKQLMVHAFIKRSDAEEVDFAGWLCSTIGLNQPSTPTHAAGV
;
B
#
# COMPACT_ATOMS: atom_id res chain seq x y z
N SER A 7 29.27 -23.72 -8.14
CA SER A 7 27.85 -23.50 -7.91
C SER A 7 27.00 -24.09 -9.06
N ASP A 8 25.70 -23.77 -9.07
CA ASP A 8 24.73 -24.43 -9.91
C ASP A 8 24.59 -23.74 -11.27
N ASP A 9 23.83 -24.38 -12.16
CA ASP A 9 23.65 -23.85 -13.52
C ASP A 9 23.05 -22.46 -13.48
N TRP A 10 23.72 -21.54 -14.18
CA TRP A 10 23.32 -20.16 -14.35
C TRP A 10 23.24 -19.39 -13.04
N GLU A 11 23.89 -19.91 -12.00
CA GLU A 11 24.03 -19.23 -10.72
C GLU A 11 25.33 -18.45 -10.72
N ILE A 12 25.28 -17.19 -10.31
CA ILE A 12 26.45 -16.31 -10.29
C ILE A 12 27.07 -16.36 -8.89
N PRO A 13 28.33 -16.75 -8.76
CA PRO A 13 28.95 -16.87 -7.43
C PRO A 13 29.09 -15.53 -6.72
N ASP A 14 29.32 -15.62 -5.43
CA ASP A 14 29.44 -14.45 -4.57
C ASP A 14 30.58 -13.54 -5.03
N GLY A 15 30.29 -12.24 -5.09
CA GLY A 15 31.34 -11.30 -5.40
C GLY A 15 31.71 -11.22 -6.86
N GLN A 16 30.83 -11.68 -7.75
CA GLN A 16 31.00 -11.50 -9.18
C GLN A 16 30.21 -10.31 -9.66
N ILE A 17 29.04 -10.08 -9.08
CA ILE A 17 28.28 -8.89 -9.42
C ILE A 17 28.77 -7.76 -8.55
N THR A 18 29.25 -6.70 -9.20
CA THR A 18 29.42 -5.44 -8.48
C THR A 18 28.04 -4.78 -8.37
N VAL A 19 27.52 -4.71 -7.15
CA VAL A 19 26.21 -4.09 -6.90
C VAL A 19 26.41 -2.59 -6.77
N GLY A 20 25.67 -1.82 -7.56
CA GLY A 20 25.79 -0.38 -7.50
C GLY A 20 24.57 0.22 -6.87
N GLN A 21 23.94 1.16 -7.57
CA GLN A 21 22.99 2.04 -6.94
C GLN A 21 21.62 1.36 -6.80
N ARG A 22 20.95 1.66 -5.69
CA ARG A 22 19.60 1.17 -5.44
C ARG A 22 18.59 1.95 -6.27
N ILE A 23 17.78 1.26 -7.05
CA ILE A 23 16.84 1.93 -7.94
C ILE A 23 15.49 2.09 -7.28
N GLY A 24 15.02 1.05 -6.60
CA GLY A 24 13.72 1.10 -5.95
C GLY A 24 13.25 -0.32 -5.74
N SER A 25 12.08 -0.44 -5.13
CA SER A 25 11.55 -1.76 -4.85
C SER A 25 10.11 -1.82 -5.32
N GLY A 26 9.65 -3.03 -5.61
CA GLY A 26 8.29 -3.21 -6.08
C GLY A 26 7.56 -4.23 -5.26
N SER A 27 6.78 -5.09 -5.93
CA SER A 27 5.94 -6.05 -5.22
C SER A 27 6.73 -7.19 -4.56
N PHE A 28 7.88 -7.58 -5.07
CA PHE A 28 8.56 -8.72 -4.45
C PHE A 28 10.07 -8.59 -4.32
N GLY A 29 10.64 -7.42 -4.60
CA GLY A 29 12.08 -7.29 -4.50
C GLY A 29 12.53 -5.84 -4.59
N THR A 30 13.83 -5.66 -4.43
CA THR A 30 14.46 -4.35 -4.54
C THR A 30 15.54 -4.43 -5.60
N VAL A 31 15.48 -3.52 -6.57
CA VAL A 31 16.33 -3.52 -7.76
C VAL A 31 17.54 -2.64 -7.51
N TYR A 32 18.70 -3.13 -7.91
CA TYR A 32 19.94 -2.38 -7.91
C TYR A 32 20.52 -2.41 -9.31
N LYS A 33 21.20 -1.33 -9.70
CA LYS A 33 22.01 -1.37 -10.90
C LYS A 33 23.32 -2.05 -10.54
N GLY A 34 23.77 -2.94 -11.41
CA GLY A 34 24.96 -3.68 -11.13
C GLY A 34 25.80 -3.84 -12.38
N LYS A 35 27.01 -4.33 -12.17
CA LYS A 35 27.90 -4.70 -13.25
C LYS A 35 28.23 -6.18 -13.13
N TRP A 36 28.04 -6.89 -14.24
CA TRP A 36 28.39 -8.29 -14.35
C TRP A 36 28.43 -8.57 -15.86
N HIS A 37 29.64 -8.60 -16.43
CA HIS A 37 29.81 -8.73 -17.88
C HIS A 37 28.90 -7.73 -18.61
N GLY A 38 28.93 -6.48 -18.16
CA GLY A 38 28.07 -5.43 -18.66
C GLY A 38 27.07 -5.00 -17.59
N ASP A 39 26.16 -4.13 -17.99
CA ASP A 39 25.20 -3.61 -17.04
C ASP A 39 24.10 -4.63 -16.80
N VAL A 40 23.72 -4.75 -15.52
CA VAL A 40 22.65 -5.65 -15.12
C VAL A 40 21.74 -4.91 -14.13
N ALA A 41 20.50 -5.37 -14.07
CA ALA A 41 19.64 -5.10 -12.94
C ALA A 41 19.73 -6.29 -12.01
N VAL A 42 19.94 -6.04 -10.72
CA VAL A 42 19.94 -7.08 -9.70
C VAL A 42 18.76 -6.85 -8.77
N LYS A 43 17.85 -7.81 -8.72
CA LYS A 43 16.70 -7.70 -7.83
C LYS A 43 16.94 -8.60 -6.63
N MET A 44 17.18 -8.00 -5.47
CA MET A 44 17.25 -8.71 -4.21
C MET A 44 15.84 -9.09 -3.79
N LEU A 45 15.56 -10.39 -3.74
CA LEU A 45 14.22 -10.87 -3.46
C LEU A 45 13.87 -10.59 -2.01
N ASN A 46 12.58 -10.30 -1.76
CA ASN A 46 12.11 -10.17 -0.39
C ASN A 46 12.31 -11.45 0.40
N VAL A 47 12.10 -12.60 -0.25
CA VAL A 47 12.33 -13.91 0.35
C VAL A 47 13.83 -14.05 0.63
N THR A 48 14.29 -13.63 1.80
CA THR A 48 15.69 -13.78 2.13
C THR A 48 16.01 -15.15 2.72
N ALA A 49 15.07 -15.70 3.50
CA ALA A 49 15.27 -16.94 4.23
C ALA A 49 14.50 -18.08 3.59
N PRO A 50 15.04 -18.75 2.56
CA PRO A 50 14.24 -19.72 1.82
C PRO A 50 14.49 -21.15 2.25
N THR A 51 13.43 -21.93 2.47
CA THR A 51 13.55 -23.33 2.88
C THR A 51 14.15 -24.18 1.77
N PRO A 52 14.71 -25.34 2.11
CA PRO A 52 15.21 -26.24 1.05
C PRO A 52 14.18 -26.55 -0.02
N GLN A 53 12.91 -26.71 0.37
CA GLN A 53 11.87 -26.96 -0.62
C GLN A 53 11.67 -25.74 -1.51
N GLN A 54 11.59 -24.56 -0.89
CA GLN A 54 11.40 -23.33 -1.66
C GLN A 54 12.59 -23.10 -2.58
N LEU A 55 13.81 -23.26 -2.06
CA LEU A 55 15.00 -23.06 -2.89
C LEU A 55 15.01 -24.00 -4.08
N GLN A 56 14.61 -25.25 -3.86
CA GLN A 56 14.63 -26.20 -4.96
C GLN A 56 13.61 -25.82 -6.02
N ALA A 57 12.39 -25.45 -5.61
CA ALA A 57 11.37 -25.06 -6.57
C ALA A 57 11.75 -23.79 -7.30
N PHE A 58 12.50 -22.90 -6.64
CA PHE A 58 13.00 -21.70 -7.27
C PHE A 58 14.02 -22.01 -8.35
N LYS A 59 14.98 -22.89 -8.04
CA LYS A 59 15.95 -23.33 -9.03
C LYS A 59 15.26 -24.01 -10.21
N ASN A 60 14.29 -24.87 -9.95
CA ASN A 60 13.54 -25.44 -11.07
C ASN A 60 12.89 -24.35 -11.91
N GLU A 61 12.33 -23.34 -11.25
CA GLU A 61 11.72 -22.27 -12.03
C GLU A 61 12.76 -21.49 -12.82
N VAL A 62 13.95 -21.29 -12.26
CA VAL A 62 15.00 -20.56 -12.96
C VAL A 62 15.42 -21.31 -14.22
N GLY A 63 15.49 -22.64 -14.14
CA GLY A 63 15.76 -23.44 -15.32
C GLY A 63 14.77 -23.19 -16.43
N VAL A 64 13.52 -22.90 -16.10
CA VAL A 64 12.56 -22.56 -17.14
C VAL A 64 12.83 -21.15 -17.66
N LEU A 65 12.81 -20.18 -16.75
CA LEU A 65 12.97 -18.78 -17.12
C LEU A 65 14.23 -18.52 -17.93
N ARG A 66 15.33 -19.19 -17.61
CA ARG A 66 16.57 -18.88 -18.31
C ARG A 66 16.53 -19.29 -19.78
N LYS A 67 15.58 -20.14 -20.17
CA LYS A 67 15.45 -20.59 -21.54
C LYS A 67 14.46 -19.75 -22.33
N THR A 68 13.91 -18.71 -21.74
CA THR A 68 12.88 -17.92 -22.41
C THR A 68 13.60 -16.76 -23.06
N ARG A 69 14.13 -17.00 -24.26
CA ARG A 69 14.87 -15.98 -25.02
C ARG A 69 14.06 -15.54 -26.22
N HIS A 70 13.81 -14.23 -26.32
CA HIS A 70 12.96 -13.68 -27.36
C HIS A 70 13.14 -12.17 -27.36
N VAL A 71 13.03 -11.57 -28.55
CA VAL A 71 13.38 -10.18 -28.72
C VAL A 71 12.53 -9.24 -27.87
N ASN A 72 11.36 -9.67 -27.44
CA ASN A 72 10.49 -8.82 -26.64
C ASN A 72 10.46 -9.23 -25.18
N ILE A 73 11.40 -10.08 -24.76
CA ILE A 73 11.49 -10.55 -23.38
C ILE A 73 12.81 -10.06 -22.81
N LEU A 74 12.73 -9.36 -21.69
CA LEU A 74 13.93 -8.99 -20.95
CA LEU A 74 13.93 -8.98 -20.94
C LEU A 74 14.78 -10.21 -20.64
N LEU A 75 16.06 -10.15 -21.02
CA LEU A 75 16.94 -11.30 -20.87
C LEU A 75 17.15 -11.66 -19.40
N PHE A 76 16.80 -12.90 -19.04
CA PHE A 76 17.14 -13.49 -17.76
C PHE A 76 18.61 -13.89 -17.78
N MET A 77 19.39 -13.33 -16.87
CA MET A 77 20.84 -13.45 -16.91
C MET A 77 21.42 -14.39 -15.87
N GLY A 78 20.73 -14.63 -14.77
CA GLY A 78 21.24 -15.51 -13.76
C GLY A 78 20.59 -15.20 -12.42
N TYR A 79 21.06 -15.92 -11.40
CA TYR A 79 20.58 -15.70 -10.05
C TYR A 79 21.74 -15.91 -9.07
N SER A 80 21.56 -15.39 -7.86
CA SER A 80 22.49 -15.53 -6.77
C SER A 80 21.76 -16.04 -5.54
N THR A 81 22.45 -16.88 -4.77
CA THR A 81 21.99 -17.26 -3.43
C THR A 81 22.81 -16.61 -2.33
N LYS A 82 24.08 -16.25 -2.60
CA LYS A 82 24.93 -15.58 -1.65
C LYS A 82 25.40 -14.26 -2.25
N PRO A 83 25.39 -13.15 -1.47
CA PRO A 83 25.07 -13.03 -0.05
C PRO A 83 23.60 -13.18 0.28
N GLN A 84 22.74 -13.10 -0.75
CA GLN A 84 21.31 -13.20 -0.57
C GLN A 84 20.69 -13.63 -1.89
N LEU A 85 19.42 -14.03 -1.81
CA LEU A 85 18.72 -14.48 -2.99
C LEU A 85 18.52 -13.32 -3.95
N ALA A 86 18.82 -13.52 -5.22
CA ALA A 86 18.74 -12.40 -6.17
C ALA A 86 18.54 -12.93 -7.58
N ILE A 87 17.88 -12.09 -8.38
CA ILE A 87 17.60 -12.31 -9.79
C ILE A 87 18.42 -11.29 -10.58
N VAL A 88 19.15 -11.75 -11.59
CA VAL A 88 19.99 -10.89 -12.41
C VAL A 88 19.41 -10.86 -13.81
N THR A 89 19.08 -9.67 -14.29
CA THR A 89 18.48 -9.53 -15.62
C THR A 89 19.18 -8.42 -16.38
N GLN A 90 18.86 -8.36 -17.66
CA GLN A 90 19.37 -7.28 -18.51
C GLN A 90 18.98 -5.91 -17.94
N TRP A 91 19.94 -5.00 -17.93
CA TRP A 91 19.65 -3.63 -17.53
C TRP A 91 19.02 -2.89 -18.71
N CYS A 92 17.90 -2.23 -18.47
CA CYS A 92 17.23 -1.49 -19.54
C CYS A 92 17.64 -0.03 -19.53
N GLU A 93 18.15 0.42 -20.66
CA GLU A 93 18.38 1.84 -20.88
C GLU A 93 17.05 2.53 -21.13
N GLY A 94 16.86 3.67 -20.51
CA GLY A 94 15.62 4.38 -20.71
C GLY A 94 14.60 4.01 -19.66
N SER A 95 13.33 4.18 -20.02
CA SER A 95 12.27 4.14 -19.05
C SER A 95 11.28 3.03 -19.36
N SER A 96 10.64 2.54 -18.30
CA SER A 96 9.51 1.64 -18.47
C SER A 96 8.36 2.37 -19.17
N LEU A 97 7.44 1.59 -19.74
CA LEU A 97 6.26 2.18 -20.32
C LEU A 97 5.47 2.98 -19.29
N TYR A 98 5.46 2.51 -18.03
CA TYR A 98 4.80 3.26 -16.98
C TYR A 98 5.40 4.65 -16.84
N HIS A 99 6.73 4.76 -16.87
CA HIS A 99 7.35 6.07 -16.78
C HIS A 99 6.99 6.95 -17.97
N HIS A 100 7.02 6.37 -19.17
CA HIS A 100 6.71 7.12 -20.37
C HIS A 100 5.27 7.66 -20.34
N LEU A 101 4.31 6.80 -19.98
CA LEU A 101 2.91 7.21 -20.02
C LEU A 101 2.55 8.14 -18.88
N HIS A 102 3.01 7.84 -17.66
CA HIS A 102 2.45 8.45 -16.48
C HIS A 102 3.39 9.37 -15.72
N ILE A 103 4.69 9.37 -16.06
CA ILE A 103 5.61 10.26 -15.38
C ILE A 103 6.19 11.28 -16.36
N ILE A 104 6.78 10.80 -17.47
CA ILE A 104 7.30 11.69 -18.50
C ILE A 104 6.16 12.29 -19.30
N GLU A 105 5.08 11.54 -19.47
CA GLU A 105 4.01 11.91 -20.40
C GLU A 105 4.58 12.12 -21.80
N THR A 106 5.31 11.10 -22.26
CA THR A 106 5.73 11.03 -23.64
C THR A 106 4.52 11.05 -24.57
N LYS A 107 4.56 11.95 -25.55
CA LYS A 107 3.53 12.01 -26.59
C LYS A 107 3.90 11.07 -27.72
N PHE A 108 3.33 9.86 -27.69
CA PHE A 108 3.42 8.93 -28.78
C PHE A 108 2.31 9.17 -29.78
N GLU A 109 2.59 8.91 -31.05
CA GLU A 109 1.51 8.87 -32.02
C GLU A 109 0.80 7.52 -32.00
N MET A 110 -0.38 7.48 -32.60
CA MET A 110 -1.18 6.26 -32.51
C MET A 110 -0.50 5.08 -33.21
N ILE A 111 0.18 5.31 -34.33
CA ILE A 111 0.91 4.19 -34.98
C ILE A 111 1.94 3.60 -34.02
N LYS A 112 2.48 4.40 -33.11
CA LYS A 112 3.52 3.92 -32.21
C LYS A 112 2.93 3.34 -30.93
N LEU A 113 1.76 3.82 -30.50
CA LEU A 113 1.07 3.16 -29.40
C LEU A 113 0.67 1.74 -29.80
N ILE A 114 0.06 1.60 -31.00
CA ILE A 114 -0.31 0.28 -31.52
C ILE A 114 0.91 -0.62 -31.60
N ASP A 115 2.04 -0.08 -32.05
CA ASP A 115 3.24 -0.89 -32.17
C ASP A 115 3.77 -1.34 -30.81
N ILE A 116 3.63 -0.51 -29.77
CA ILE A 116 4.02 -0.96 -28.44
C ILE A 116 3.12 -2.10 -27.99
N ALA A 117 1.81 -1.97 -28.25
CA ALA A 117 0.90 -3.05 -27.88
C ALA A 117 1.18 -4.29 -28.71
N ARG A 118 1.53 -4.12 -29.99
CA ARG A 118 1.88 -5.26 -30.85
C ARG A 118 3.07 -6.02 -30.28
N GLN A 119 4.15 -5.31 -29.95
CA GLN A 119 5.35 -5.98 -29.48
C GLN A 119 5.12 -6.66 -28.14
N THR A 120 4.34 -6.02 -27.27
CA THR A 120 3.98 -6.63 -25.99
C THR A 120 3.18 -7.91 -26.21
N ALA A 121 2.17 -7.85 -27.08
CA ALA A 121 1.42 -9.06 -27.38
C ALA A 121 2.34 -10.10 -27.99
N GLN A 122 3.29 -9.67 -28.81
CA GLN A 122 4.28 -10.57 -29.38
C GLN A 122 5.06 -11.31 -28.28
N GLY A 123 5.56 -10.56 -27.30
CA GLY A 123 6.33 -11.18 -26.23
C GLY A 123 5.46 -12.04 -25.32
N MET A 124 4.22 -11.59 -25.07
CA MET A 124 3.31 -12.36 -24.24
C MET A 124 2.92 -13.65 -24.97
N ASP A 125 2.71 -13.56 -26.29
CA ASP A 125 2.41 -14.73 -27.10
C ASP A 125 3.50 -15.78 -26.95
N TYR A 126 4.76 -15.34 -26.95
CA TYR A 126 5.88 -16.24 -26.76
C TYR A 126 5.87 -16.89 -25.39
N LEU A 127 5.70 -16.07 -24.34
CA LEU A 127 5.64 -16.59 -22.98
C LEU A 127 4.58 -17.69 -22.86
N HIS A 128 3.40 -17.46 -23.42
CA HIS A 128 2.34 -18.46 -23.32
C HIS A 128 2.62 -19.66 -24.20
N ALA A 129 3.30 -19.45 -25.32
CA ALA A 129 3.68 -20.60 -26.14
C ALA A 129 4.63 -21.51 -25.37
N LYS A 130 5.45 -20.93 -24.50
CA LYS A 130 6.34 -21.68 -23.63
C LYS A 130 5.69 -22.06 -22.32
N SER A 131 4.36 -21.88 -22.19
CA SER A 131 3.58 -22.32 -21.03
C SER A 131 3.96 -21.55 -19.76
N ILE A 132 4.35 -20.29 -19.90
CA ILE A 132 4.75 -19.49 -18.76
C ILE A 132 3.66 -18.45 -18.50
N ILE A 133 3.09 -18.47 -17.30
CA ILE A 133 2.22 -17.38 -16.86
C ILE A 133 3.09 -16.25 -16.35
N HIS A 134 2.84 -15.04 -16.85
CA HIS A 134 3.64 -13.91 -16.43
C HIS A 134 3.42 -13.62 -14.96
N ARG A 135 2.16 -13.51 -14.54
CA ARG A 135 1.68 -13.29 -13.18
C ARG A 135 1.82 -11.86 -12.74
N ASP A 136 2.49 -11.00 -13.49
CA ASP A 136 2.72 -9.67 -12.99
C ASP A 136 2.84 -8.64 -14.11
N LEU A 137 2.08 -8.81 -15.18
CA LEU A 137 2.19 -7.85 -16.27
C LEU A 137 1.60 -6.52 -15.83
N LYS A 138 2.29 -5.43 -16.18
CA LYS A 138 1.89 -4.07 -15.87
C LYS A 138 2.86 -3.19 -16.62
N SER A 139 2.50 -1.92 -16.80
CA SER A 139 3.40 -1.10 -17.62
C SER A 139 4.75 -0.85 -16.96
N ASN A 140 4.87 -1.02 -15.61
CA ASN A 140 6.18 -0.96 -14.97
C ASN A 140 7.08 -2.10 -15.41
N ASN A 141 6.51 -3.19 -15.95
CA ASN A 141 7.27 -4.36 -16.34
C ASN A 141 7.37 -4.46 -17.87
N ILE A 142 7.11 -3.36 -18.55
CA ILE A 142 7.32 -3.23 -19.98
C ILE A 142 8.28 -2.07 -20.17
N PHE A 143 9.43 -2.35 -20.77
CA PHE A 143 10.46 -1.36 -20.99
C PHE A 143 10.58 -1.07 -22.48
N LEU A 144 10.73 0.21 -22.81
CA LEU A 144 10.97 0.61 -24.19
C LEU A 144 12.47 0.79 -24.31
N HIS A 145 13.15 -0.28 -24.70
CA HIS A 145 14.60 -0.35 -24.59
C HIS A 145 15.23 0.48 -25.68
N GLU A 146 16.08 1.43 -25.28
CA GLU A 146 16.76 2.34 -26.21
C GLU A 146 15.75 3.02 -27.12
N ASP A 147 14.52 3.20 -26.61
CA ASP A 147 13.42 3.88 -27.29
C ASP A 147 12.96 3.14 -28.55
N LEU A 148 13.10 1.81 -28.59
CA LEU A 148 12.82 1.07 -29.81
C LEU A 148 12.00 -0.19 -29.55
N THR A 149 12.63 -1.15 -28.89
CA THR A 149 12.09 -2.48 -28.73
C THR A 149 11.43 -2.62 -27.38
N VAL A 150 10.30 -3.31 -27.38
CA VAL A 150 9.59 -3.57 -26.13
C VAL A 150 10.20 -4.80 -25.47
N LYS A 151 10.57 -4.67 -24.20
CA LYS A 151 11.07 -5.79 -23.42
C LYS A 151 10.17 -5.99 -22.22
N ILE A 152 9.57 -7.17 -22.11
CA ILE A 152 8.72 -7.51 -20.97
C ILE A 152 9.60 -8.14 -19.90
N GLY A 153 9.43 -7.71 -18.65
CA GLY A 153 10.22 -8.22 -17.55
C GLY A 153 9.33 -8.78 -16.45
N ASP A 154 9.99 -9.38 -15.44
CA ASP A 154 9.34 -9.76 -14.18
C ASP A 154 8.22 -10.77 -14.38
N PHE A 155 8.46 -11.73 -15.24
CA PHE A 155 7.50 -12.80 -15.50
C PHE A 155 7.84 -14.04 -14.67
N GLY A 156 6.86 -14.91 -14.52
CA GLY A 156 7.07 -16.12 -13.74
C GLY A 156 7.46 -15.78 -12.32
N LEU A 157 8.41 -16.56 -11.79
CA LEU A 157 8.91 -16.36 -10.43
C LEU A 157 7.81 -16.48 -9.38
N ALA A 158 6.87 -17.41 -9.61
CA ALA A 158 5.81 -17.67 -8.64
C ALA A 158 6.36 -18.11 -7.29
N THR A 159 7.48 -18.85 -7.29
CA THR A 159 7.97 -19.44 -6.07
C THR A 159 8.45 -18.39 -5.08
N VAL A 160 8.87 -17.21 -5.55
CA VAL A 160 9.39 -16.18 -4.65
C VAL A 160 8.43 -15.01 -4.48
N LYS A 161 7.23 -15.09 -5.03
CA LYS A 161 6.22 -14.07 -4.79
C LYS A 161 5.32 -14.42 -3.62
N SER A 162 5.88 -15.05 -2.58
CA SER A 162 5.18 -15.47 -1.37
C SER A 162 6.18 -16.21 -0.49
N ARG A 163 6.19 -15.96 0.80
CA ARG A 163 7.12 -16.67 1.67
C ARG A 163 6.52 -18.01 2.08
N TRP A 164 7.37 -19.01 2.23
CA TRP A 164 6.95 -20.40 2.31
C TRP A 164 7.06 -20.94 3.73
N SER A 165 6.02 -21.64 4.17
CA SER A 165 6.00 -22.32 5.47
C SER A 165 6.01 -23.83 5.18
N GLY A 166 7.20 -24.33 4.83
CA GLY A 166 7.40 -25.74 4.48
C GLY A 166 7.26 -25.97 2.98
N SER A 167 6.20 -26.69 2.59
CA SER A 167 5.86 -26.92 1.19
C SER A 167 4.68 -26.08 0.72
N HIS A 168 3.89 -25.53 1.64
CA HIS A 168 2.74 -24.69 1.31
C HIS A 168 3.14 -23.22 1.35
N GLN A 169 2.58 -22.42 0.43
CA GLN A 169 2.81 -20.99 0.41
C GLN A 169 1.48 -20.27 0.37
N PHE A 170 1.37 -19.24 1.23
CA PHE A 170 0.16 -18.38 1.24
C PHE A 170 0.43 -17.20 0.31
N GLU A 171 -0.43 -17.01 -0.68
CA GLU A 171 -0.28 -15.97 -1.68
C GLU A 171 -1.07 -14.73 -1.26
N GLN A 172 -0.40 -13.60 -1.17
CA GLN A 172 -1.05 -12.35 -0.84
C GLN A 172 -0.78 -11.31 -1.90
N LEU A 173 -1.78 -10.48 -2.15
CA LEU A 173 -1.63 -9.36 -3.06
C LEU A 173 -0.44 -8.51 -2.63
N SER A 174 0.38 -8.12 -3.60
CA SER A 174 1.51 -7.26 -3.31
C SER A 174 1.66 -6.25 -4.44
N GLY A 175 2.16 -5.06 -4.10
CA GLY A 175 2.32 -3.98 -5.08
C GLY A 175 0.99 -3.45 -5.63
N SER A 176 1.06 -2.75 -6.75
CA SER A 176 -0.16 -2.18 -7.33
C SER A 176 -1.17 -3.26 -7.71
N ILE A 177 -2.46 -2.95 -7.50
CA ILE A 177 -3.55 -3.86 -7.88
C ILE A 177 -4.19 -3.52 -9.22
N LEU A 178 -3.76 -2.44 -9.88
CA LEU A 178 -4.54 -1.93 -11.01
C LEU A 178 -4.62 -2.94 -12.14
N TRP A 179 -3.65 -3.85 -12.27
CA TRP A 179 -3.62 -4.74 -13.41
C TRP A 179 -4.18 -6.13 -13.11
N MET A 180 -4.66 -6.35 -11.90
CA MET A 180 -5.11 -7.67 -11.47
C MET A 180 -6.52 -7.96 -11.94
N ALA A 181 -6.73 -9.13 -12.53
CA ALA A 181 -8.06 -9.54 -12.92
C ALA A 181 -8.91 -9.75 -11.67
N PRO A 182 -10.23 -9.64 -11.82
CA PRO A 182 -11.12 -9.95 -10.70
C PRO A 182 -10.80 -11.24 -9.97
N GLU A 183 -10.41 -12.29 -10.69
CA GLU A 183 -10.18 -13.56 -10.00
C GLU A 183 -8.80 -13.59 -9.38
N VAL A 184 -7.89 -12.71 -9.79
CA VAL A 184 -6.64 -12.57 -9.07
C VAL A 184 -6.86 -11.84 -7.75
N ILE A 185 -7.63 -10.75 -7.79
CA ILE A 185 -8.01 -10.02 -6.59
C ILE A 185 -8.66 -10.97 -5.57
N ARG A 186 -9.57 -11.83 -6.03
CA ARG A 186 -10.34 -12.62 -5.08
C ARG A 186 -9.47 -13.65 -4.39
N MET A 187 -8.44 -14.18 -5.08
CA MET A 187 -7.56 -15.23 -4.52
C MET A 187 -8.38 -16.37 -3.93
N GLN A 188 -9.43 -16.77 -4.64
CA GLN A 188 -10.33 -17.83 -4.17
C GLN A 188 -10.26 -19.11 -4.99
N ASP A 189 -10.05 -19.02 -6.30
CA ASP A 189 -9.93 -20.23 -7.11
C ASP A 189 -8.69 -21.01 -6.70
N LYS A 190 -8.63 -22.27 -7.17
CA LYS A 190 -7.41 -23.05 -6.98
C LYS A 190 -6.22 -22.38 -7.64
N ASN A 191 -6.35 -22.03 -8.91
CA ASN A 191 -5.30 -21.34 -9.66
C ASN A 191 -5.84 -19.99 -10.09
N PRO A 192 -5.71 -18.96 -9.26
CA PRO A 192 -6.15 -17.63 -9.69
C PRO A 192 -5.37 -17.12 -10.89
N TYR A 193 -4.10 -17.49 -11.04
CA TYR A 193 -3.30 -17.01 -12.16
C TYR A 193 -3.44 -17.95 -13.36
N SER A 194 -3.57 -17.37 -14.55
CA SER A 194 -3.83 -18.12 -15.77
C SER A 194 -3.41 -17.28 -16.95
N PHE A 195 -3.32 -17.91 -18.12
CA PHE A 195 -3.12 -17.13 -19.34
C PHE A 195 -4.13 -16.00 -19.41
N GLN A 196 -5.39 -16.30 -19.08
CA GLN A 196 -6.45 -15.30 -19.15
C GLN A 196 -6.25 -14.18 -18.15
N SER A 197 -5.67 -14.44 -16.97
CA SER A 197 -5.42 -13.28 -16.10
C SER A 197 -4.32 -12.39 -16.65
N ASP A 198 -3.34 -12.96 -17.36
CA ASP A 198 -2.37 -12.14 -18.11
C ASP A 198 -3.07 -11.30 -19.16
N VAL A 199 -4.08 -11.86 -19.82
CA VAL A 199 -4.77 -11.14 -20.89
C VAL A 199 -5.46 -9.91 -20.31
N TYR A 200 -6.16 -10.10 -19.19
CA TYR A 200 -6.74 -8.98 -18.49
C TYR A 200 -5.71 -7.89 -18.21
N ALA A 201 -4.55 -8.27 -17.64
CA ALA A 201 -3.53 -7.28 -17.34
C ALA A 201 -3.12 -6.56 -18.62
N PHE A 202 -2.98 -7.30 -19.71
CA PHE A 202 -2.69 -6.68 -20.99
C PHE A 202 -3.81 -5.74 -21.40
N GLY A 203 -5.06 -6.13 -21.12
CA GLY A 203 -6.18 -5.23 -21.36
C GLY A 203 -5.98 -3.90 -20.67
N ILE A 204 -5.52 -3.93 -19.41
CA ILE A 204 -5.28 -2.69 -18.68
C ILE A 204 -4.14 -1.92 -19.32
N VAL A 205 -3.09 -2.61 -19.78
CA VAL A 205 -2.01 -1.92 -20.46
C VAL A 205 -2.55 -1.20 -21.69
N LEU A 206 -3.40 -1.89 -22.46
CA LEU A 206 -4.07 -1.26 -23.60
C LEU A 206 -4.82 -0.01 -23.16
N TYR A 207 -5.55 -0.12 -22.04
CA TYR A 207 -6.24 1.02 -21.47
C TYR A 207 -5.27 2.18 -21.27
N GLU A 208 -4.14 1.92 -20.59
CA GLU A 208 -3.17 2.99 -20.39
C GLU A 208 -2.70 3.56 -21.72
N LEU A 209 -2.42 2.72 -22.71
CA LEU A 209 -1.94 3.23 -24.00
C LEU A 209 -2.99 4.10 -24.69
N MET A 210 -4.24 3.64 -24.70
CA MET A 210 -5.32 4.29 -25.44
C MET A 210 -5.97 5.45 -24.68
N THR A 211 -5.80 5.53 -23.35
CA THR A 211 -6.32 6.65 -22.58
C THR A 211 -5.23 7.60 -22.08
N GLY A 212 -4.00 7.13 -21.93
CA GLY A 212 -2.99 7.89 -21.23
C GLY A 212 -3.12 7.90 -19.73
N GLN A 213 -4.05 7.12 -19.16
CA GLN A 213 -4.37 7.18 -17.73
C GLN A 213 -4.37 5.79 -17.13
N LEU A 214 -4.03 5.72 -15.87
CA LEU A 214 -4.35 4.54 -15.10
C LEU A 214 -5.87 4.42 -14.97
N PRO A 215 -6.39 3.20 -14.89
CA PRO A 215 -7.82 3.00 -14.60
C PRO A 215 -8.20 3.52 -13.22
N TYR A 216 -9.50 3.71 -13.01
CA TYR A 216 -10.05 4.14 -11.72
C TYR A 216 -9.43 5.46 -11.25
N SER A 217 -9.16 6.37 -12.20
CA SER A 217 -8.57 7.65 -11.82
C SER A 217 -9.48 8.45 -10.89
N ASN A 218 -10.77 8.19 -10.90
CA ASN A 218 -11.70 8.97 -10.08
C ASN A 218 -11.92 8.35 -8.72
N ILE A 219 -11.24 7.26 -8.40
CA ILE A 219 -11.42 6.58 -7.13
C ILE A 219 -10.08 6.58 -6.42
N ASN A 220 -10.01 7.21 -5.25
CA ASN A 220 -8.79 7.25 -4.48
C ASN A 220 -8.78 6.27 -3.31
N ASN A 221 -9.83 5.47 -3.17
CA ASN A 221 -9.97 4.52 -2.06
C ASN A 221 -9.57 3.14 -2.56
N ARG A 222 -8.36 2.71 -2.21
CA ARG A 222 -7.87 1.44 -2.72
C ARG A 222 -8.77 0.26 -2.30
N ASP A 223 -9.27 0.26 -1.06
CA ASP A 223 -10.02 -0.91 -0.64
C ASP A 223 -11.37 -0.98 -1.39
N GLN A 224 -11.95 0.17 -1.73
CA GLN A 224 -13.15 0.17 -2.56
C GLN A 224 -12.87 -0.47 -3.92
N ILE A 225 -11.71 -0.14 -4.51
CA ILE A 225 -11.31 -0.74 -5.79
C ILE A 225 -11.15 -2.24 -5.66
N ILE A 226 -10.38 -2.69 -4.67
CA ILE A 226 -10.20 -4.12 -4.46
C ILE A 226 -11.55 -4.82 -4.33
N PHE A 227 -12.40 -4.32 -3.44
CA PHE A 227 -13.68 -4.98 -3.26
C PHE A 227 -14.50 -4.97 -4.55
N MET A 228 -14.65 -3.79 -5.17
CA MET A 228 -15.60 -3.68 -6.27
C MET A 228 -15.11 -4.33 -7.55
N VAL A 229 -13.82 -4.20 -7.86
CA VAL A 229 -13.27 -4.97 -8.97
C VAL A 229 -13.41 -6.46 -8.70
N GLY A 230 -13.03 -6.88 -7.49
CA GLY A 230 -13.13 -8.28 -7.15
C GLY A 230 -14.54 -8.84 -7.28
N ARG A 231 -15.54 -8.05 -6.89
CA ARG A 231 -16.93 -8.50 -6.95
C ARG A 231 -17.53 -8.31 -8.33
N GLY A 232 -16.80 -7.68 -9.25
CA GLY A 232 -17.32 -7.38 -10.55
C GLY A 232 -18.19 -6.15 -10.62
N TYR A 233 -18.18 -5.31 -9.61
CA TYR A 233 -19.05 -4.12 -9.62
C TYR A 233 -18.38 -2.92 -10.28
N LEU A 234 -17.10 -3.04 -10.62
CA LEU A 234 -16.33 -1.90 -11.07
C LEU A 234 -15.35 -2.40 -12.10
N SER A 235 -15.18 -1.61 -13.15
CA SER A 235 -14.31 -1.96 -14.25
C SER A 235 -13.87 -0.67 -14.92
N PRO A 236 -12.80 -0.71 -15.71
CA PRO A 236 -12.27 0.51 -16.32
C PRO A 236 -13.30 1.27 -17.13
N ASP A 237 -13.24 2.59 -17.03
CA ASP A 237 -14.15 3.45 -17.76
C ASP A 237 -13.66 3.58 -19.20
N LEU A 238 -14.27 2.80 -20.10
CA LEU A 238 -13.79 2.77 -21.47
C LEU A 238 -14.08 4.06 -22.22
N SER A 239 -14.86 4.99 -21.66
CA SER A 239 -15.11 6.23 -22.35
C SER A 239 -13.97 7.23 -22.21
N LYS A 240 -13.03 6.98 -21.31
CA LYS A 240 -11.79 7.75 -21.27
C LYS A 240 -10.88 7.47 -22.46
N VAL A 241 -11.23 6.51 -23.32
CA VAL A 241 -10.40 6.23 -24.47
C VAL A 241 -10.37 7.44 -25.40
N ARG A 242 -9.18 7.78 -25.89
CA ARG A 242 -9.02 8.97 -26.72
C ARG A 242 -9.70 8.81 -28.07
N SER A 243 -9.98 9.94 -28.73
CA SER A 243 -10.84 9.87 -29.90
C SER A 243 -10.14 9.21 -31.08
N ASN A 244 -8.82 9.27 -31.16
CA ASN A 244 -8.11 8.64 -32.26
C ASN A 244 -7.83 7.15 -32.03
N CYS A 245 -8.45 6.52 -31.05
CA CYS A 245 -8.26 5.08 -30.86
C CYS A 245 -9.12 4.30 -31.84
N PRO A 246 -8.55 3.44 -32.68
CA PRO A 246 -9.38 2.69 -33.64
C PRO A 246 -10.44 1.88 -32.92
N LYS A 247 -11.65 1.87 -33.50
CA LYS A 247 -12.76 1.15 -32.89
C LYS A 247 -12.37 -0.30 -32.58
N ALA A 248 -11.62 -0.93 -33.48
CA ALA A 248 -11.22 -2.32 -33.26
C ALA A 248 -10.30 -2.47 -32.05
N MET A 249 -9.50 -1.45 -31.73
CA MET A 249 -8.68 -1.51 -30.54
C MET A 249 -9.54 -1.38 -29.28
N LYS A 250 -10.56 -0.53 -29.31
CA LYS A 250 -11.47 -0.46 -28.18
C LYS A 250 -12.18 -1.79 -27.96
N ARG A 251 -12.62 -2.45 -29.04
CA ARG A 251 -13.31 -3.73 -28.89
C ARG A 251 -12.38 -4.79 -28.30
N LEU A 252 -11.18 -4.93 -28.87
CA LEU A 252 -10.17 -5.83 -28.33
C LEU A 252 -9.91 -5.57 -26.85
N MET A 253 -9.79 -4.30 -26.48
CA MET A 253 -9.59 -3.96 -25.08
C MET A 253 -10.71 -4.49 -24.22
N ALA A 254 -11.95 -4.27 -24.65
CA ALA A 254 -13.08 -4.75 -23.86
C ALA A 254 -13.11 -6.28 -23.76
N GLU A 255 -12.66 -6.97 -24.80
CA GLU A 255 -12.65 -8.43 -24.68
C GLU A 255 -11.59 -8.88 -23.69
N CYS A 256 -10.43 -8.22 -23.66
CA CYS A 256 -9.40 -8.61 -22.71
C CYS A 256 -9.84 -8.36 -21.28
N LEU A 257 -10.71 -7.39 -21.07
CA LEU A 257 -11.08 -6.98 -19.73
C LEU A 257 -12.32 -7.67 -19.22
N LYS A 258 -12.86 -8.65 -19.95
CA LYS A 258 -14.05 -9.35 -19.48
C LYS A 258 -13.85 -9.85 -18.05
N LYS A 259 -14.88 -9.71 -17.23
CA LYS A 259 -14.82 -10.11 -15.83
C LYS A 259 -14.62 -11.60 -15.69
N LYS A 260 -15.30 -12.39 -16.52
CA LYS A 260 -15.22 -13.84 -16.46
C LYS A 260 -14.03 -14.28 -17.31
N ARG A 261 -13.07 -14.97 -16.68
CA ARG A 261 -11.82 -15.24 -17.39
C ARG A 261 -12.04 -16.06 -18.64
N ASP A 262 -12.99 -17.00 -18.60
CA ASP A 262 -13.26 -17.84 -19.75
C ASP A 262 -13.78 -17.07 -20.96
N GLU A 263 -14.18 -15.81 -20.79
CA GLU A 263 -14.64 -14.98 -21.89
C GLU A 263 -13.52 -14.18 -22.56
N ARG A 264 -12.29 -14.30 -22.08
CA ARG A 264 -11.18 -13.51 -22.58
C ARG A 264 -10.48 -14.27 -23.69
N PRO A 265 -10.08 -13.58 -24.77
CA PRO A 265 -9.34 -14.25 -25.83
C PRO A 265 -7.94 -14.57 -25.37
N LEU A 266 -7.24 -15.37 -26.16
CA LEU A 266 -5.86 -15.68 -25.87
C LEU A 266 -4.94 -14.88 -26.77
N PHE A 267 -3.66 -15.00 -26.53
CA PHE A 267 -2.76 -14.07 -27.20
C PHE A 267 -2.56 -14.35 -28.69
N PRO A 268 -2.58 -15.59 -29.19
CA PRO A 268 -2.56 -15.72 -30.67
C PRO A 268 -3.66 -14.90 -31.34
N GLN A 269 -4.87 -14.90 -30.79
CA GLN A 269 -5.95 -14.10 -31.39
C GLN A 269 -5.74 -12.61 -31.15
N ILE A 270 -5.22 -12.24 -29.97
CA ILE A 270 -4.99 -10.83 -29.66
C ILE A 270 -3.92 -10.27 -30.58
N LEU A 271 -2.80 -10.98 -30.71
CA LEU A 271 -1.71 -10.56 -31.58
C LEU A 271 -2.18 -10.43 -33.02
N ALA A 272 -3.03 -11.36 -33.46
CA ALA A 272 -3.54 -11.29 -34.82
C ALA A 272 -4.45 -10.08 -35.02
N SER A 273 -5.20 -9.69 -33.98
CA SER A 273 -6.06 -8.52 -34.11
C SER A 273 -5.23 -7.24 -34.19
N ILE A 274 -4.22 -7.10 -33.32
CA ILE A 274 -3.44 -5.88 -33.34
C ILE A 274 -2.70 -5.75 -34.67
N GLU A 275 -2.15 -6.86 -35.17
CA GLU A 275 -1.40 -6.81 -36.42
C GLU A 275 -2.30 -6.39 -37.58
N LEU A 276 -3.53 -6.91 -37.61
CA LEU A 276 -4.50 -6.50 -38.59
C LEU A 276 -4.83 -5.02 -38.48
N LEU A 277 -5.05 -4.56 -37.25
CA LEU A 277 -5.34 -3.16 -36.99
C LEU A 277 -4.18 -2.28 -37.44
N ALA A 278 -2.94 -2.68 -37.12
CA ALA A 278 -1.78 -1.89 -37.52
C ALA A 278 -1.73 -1.66 -39.03
N ARG A 279 -2.17 -2.63 -39.83
CA ARG A 279 -2.14 -2.51 -41.28
C ARG A 279 -3.29 -1.66 -41.81
N SER A 280 -4.50 -1.89 -41.31
CA SER A 280 -5.67 -1.10 -41.68
C SER A 280 -5.74 0.14 -40.79
N LEU A 281 -4.75 1.01 -40.97
CA LEU A 281 -4.57 2.18 -40.14
C LEU A 281 -3.85 3.23 -40.96
N PRO A 282 -4.27 4.50 -40.88
CA PRO A 282 -3.62 5.60 -41.62
C PRO A 282 -2.16 5.80 -41.20
N LEU B 44 -8.35 26.68 20.97
CA LEU B 44 -8.77 25.36 21.40
C LEU B 44 -9.01 25.33 22.91
N GLU B 45 -9.68 24.26 23.35
CA GLU B 45 -10.08 24.06 24.75
C GLU B 45 -8.86 24.06 25.66
N LEU B 46 -8.13 22.94 25.73
CA LEU B 46 -6.80 22.88 26.32
C LEU B 46 -6.73 23.17 27.82
N ASP B 47 -6.39 22.18 28.63
CA ASP B 47 -6.00 22.46 30.01
C ASP B 47 -4.71 23.29 30.00
N GLU B 48 -4.22 23.68 31.19
CA GLU B 48 -3.01 24.50 31.23
C GLU B 48 -1.79 23.70 30.74
N GLN B 49 -1.72 22.40 31.07
CA GLN B 49 -0.59 21.59 30.65
C GLN B 49 -0.56 21.39 29.14
N GLN B 50 -1.73 21.19 28.53
CA GLN B 50 -1.78 20.99 27.09
C GLN B 50 -1.35 22.25 26.35
N ARG B 51 -1.77 23.42 26.83
CA ARG B 51 -1.38 24.65 26.16
C ARG B 51 0.11 24.92 26.37
N LYS B 52 0.67 24.43 27.47
CA LYS B 52 2.09 24.57 27.72
C LYS B 52 2.90 23.74 26.73
N ARG B 53 2.51 22.48 26.54
CA ARG B 53 3.22 21.62 25.60
C ARG B 53 3.02 22.11 24.17
N LEU B 54 1.82 22.57 23.83
CA LEU B 54 1.59 23.10 22.49
C LEU B 54 2.50 24.29 22.22
N GLU B 55 2.66 25.17 23.21
CA GLU B 55 3.52 26.32 23.04
C GLU B 55 4.97 25.90 22.89
N ALA B 56 5.41 24.93 23.70
CA ALA B 56 6.79 24.48 23.61
C ALA B 56 7.07 23.91 22.22
N PHE B 57 6.09 23.22 21.64
CA PHE B 57 6.29 22.64 20.31
C PHE B 57 6.45 23.73 19.25
N LEU B 58 5.62 24.77 19.31
CA LEU B 58 5.73 25.89 18.37
C LEU B 58 7.09 26.57 18.51
N THR B 59 7.60 26.65 19.74
CA THR B 59 8.93 27.20 19.96
C THR B 59 10.02 26.39 19.29
N GLN B 60 9.98 25.07 19.49
CA GLN B 60 10.96 24.22 18.81
C GLN B 60 10.85 24.36 17.30
N LYS B 61 9.61 24.45 16.81
CA LYS B 61 9.39 24.53 15.37
C LYS B 61 9.97 25.80 14.77
N GLN B 62 10.14 26.87 15.57
CA GLN B 62 10.73 28.10 15.03
C GLN B 62 12.22 27.93 14.79
N LYS B 63 12.86 27.02 15.51
CA LYS B 63 14.26 26.70 15.24
C LYS B 63 14.46 25.97 13.91
N VAL B 64 13.40 25.48 13.30
CA VAL B 64 13.52 24.62 12.12
C VAL B 64 13.22 25.46 10.90
N GLY B 65 14.24 25.80 10.13
CA GLY B 65 13.99 26.46 8.87
C GLY B 65 13.62 25.48 7.77
N GLU B 66 14.25 25.64 6.61
CA GLU B 66 14.01 24.75 5.49
C GLU B 66 14.63 23.38 5.75
N LEU B 67 13.86 22.32 5.49
CA LEU B 67 14.33 20.95 5.68
C LEU B 67 15.08 20.48 4.43
N LYS B 68 16.28 19.95 4.64
CA LYS B 68 17.15 19.52 3.56
C LYS B 68 17.72 18.18 3.93
N ASP B 69 17.82 17.30 2.95
CA ASP B 69 18.26 15.94 3.23
C ASP B 69 19.63 15.91 3.92
N ASP B 70 20.53 16.82 3.57
CA ASP B 70 21.86 16.82 4.18
C ASP B 70 21.85 17.18 5.66
N ASP B 71 20.79 17.82 6.14
CA ASP B 71 20.76 18.26 7.52
C ASP B 71 20.30 17.17 8.49
N PHE B 72 19.99 15.97 8.00
CA PHE B 72 19.51 14.87 8.85
C PHE B 72 20.60 13.83 9.03
N GLU B 73 20.56 13.20 10.19
CA GLU B 73 21.41 12.06 10.50
C GLU B 73 20.49 10.94 10.99
N LYS B 74 20.60 9.78 10.35
CA LYS B 74 19.87 8.60 10.77
C LYS B 74 20.27 8.19 12.18
N ILE B 75 19.29 7.93 13.03
CA ILE B 75 19.56 7.32 14.34
C ILE B 75 19.17 5.85 14.29
N SER B 76 17.89 5.57 14.05
CA SER B 76 17.43 4.18 14.05
C SER B 76 16.10 4.07 13.31
N GLU B 77 15.74 2.84 12.94
CA GLU B 77 14.48 2.65 12.25
CA GLU B 77 14.48 2.56 12.25
C GLU B 77 13.34 2.55 13.24
N LEU B 78 12.24 3.17 12.87
CA LEU B 78 11.05 3.15 13.70
C LEU B 78 10.01 2.18 13.19
N GLY B 79 10.12 1.74 11.95
CA GLY B 79 9.08 0.89 11.41
C GLY B 79 8.90 1.14 9.94
N ALA B 80 8.13 0.25 9.33
CA ALA B 80 7.85 0.32 7.91
C ALA B 80 6.42 -0.14 7.71
N GLY B 81 5.69 0.59 6.86
CA GLY B 81 4.39 0.19 6.40
C GLY B 81 4.49 -0.51 5.07
N ASN B 82 3.36 -0.63 4.40
CA ASN B 82 3.41 -1.30 3.10
C ASN B 82 3.76 -0.33 1.98
N GLY B 83 3.86 0.96 2.25
CA GLY B 83 4.27 1.89 1.23
C GLY B 83 5.30 2.89 1.74
N GLY B 84 5.78 2.74 2.97
CA GLY B 84 6.70 3.73 3.49
C GLY B 84 7.63 3.18 4.54
N VAL B 85 8.57 4.03 4.97
CA VAL B 85 9.51 3.67 6.03
C VAL B 85 9.79 4.91 6.88
N VAL B 86 9.90 4.71 8.19
CA VAL B 86 9.98 5.81 9.15
C VAL B 86 11.26 5.63 9.96
N PHE B 87 12.05 6.69 10.04
CA PHE B 87 13.30 6.65 10.78
C PHE B 87 13.28 7.70 11.87
N LYS B 88 13.86 7.35 13.03
CA LYS B 88 14.22 8.38 13.98
C LYS B 88 15.49 9.04 13.47
N VAL B 89 15.49 10.37 13.47
CA VAL B 89 16.59 11.14 12.90
C VAL B 89 16.91 12.33 13.79
N SER B 90 18.14 12.82 13.67
CA SER B 90 18.52 14.09 14.27
CA SER B 90 18.53 14.08 14.26
C SER B 90 18.56 15.15 13.18
N HIS B 91 17.94 16.29 13.44
CA HIS B 91 18.04 17.44 12.55
C HIS B 91 19.16 18.30 13.12
N LYS B 92 20.34 18.18 12.52
CA LYS B 92 21.53 18.82 13.08
C LYS B 92 21.40 20.34 13.23
N PRO B 93 20.91 21.10 12.24
CA PRO B 93 20.83 22.56 12.46
C PRO B 93 20.04 22.93 13.70
N SER B 94 18.97 22.18 13.99
CA SER B 94 18.08 22.54 15.08
C SER B 94 18.33 21.75 16.35
N GLY B 95 19.12 20.68 16.32
CA GLY B 95 19.27 19.81 17.46
C GLY B 95 18.09 18.89 17.72
N LEU B 96 16.99 19.05 17.00
CA LEU B 96 15.78 18.29 17.30
C LEU B 96 15.89 16.84 16.81
N VAL B 97 15.29 15.94 17.58
CA VAL B 97 15.00 14.59 17.12
C VAL B 97 13.62 14.59 16.51
N MET B 98 13.46 13.95 15.35
CA MET B 98 12.15 13.83 14.71
C MET B 98 11.98 12.43 14.16
N ALA B 99 10.76 12.08 13.82
CA ALA B 99 10.46 10.91 13.03
C ALA B 99 10.29 11.34 11.58
N ARG B 100 11.03 10.69 10.69
CA ARG B 100 11.02 11.06 9.28
C ARG B 100 10.45 9.90 8.49
N LYS B 101 9.29 10.11 7.89
CA LYS B 101 8.67 9.13 7.03
C LYS B 101 9.10 9.41 5.59
N LEU B 102 9.56 8.38 4.89
CA LEU B 102 9.97 8.50 3.51
C LEU B 102 9.06 7.65 2.64
N ILE B 103 8.52 8.25 1.59
CA ILE B 103 7.60 7.59 0.68
C ILE B 103 8.17 7.72 -0.73
N HIS B 104 8.39 6.57 -1.37
CA HIS B 104 8.92 6.52 -2.73
C HIS B 104 7.75 6.32 -3.68
N LEU B 105 7.38 7.37 -4.39
CA LEU B 105 6.28 7.34 -5.35
C LEU B 105 6.82 7.67 -6.73
N GLU B 106 6.45 6.85 -7.69
CA GLU B 106 6.83 7.06 -9.08
C GLU B 106 5.61 7.74 -9.71
N ILE B 107 5.61 9.08 -9.66
CA ILE B 107 4.49 9.92 -10.05
C ILE B 107 5.01 11.11 -10.85
N LYS B 108 4.14 11.72 -11.66
CA LYS B 108 4.59 12.87 -12.43
C LYS B 108 4.87 14.05 -11.50
N PRO B 109 5.85 14.87 -11.87
CA PRO B 109 6.24 15.99 -10.99
C PRO B 109 5.11 16.94 -10.65
N ALA B 110 4.18 17.20 -11.56
CA ALA B 110 3.04 18.03 -11.20
C ALA B 110 2.26 17.41 -10.05
N ILE B 111 2.04 16.10 -10.05
CA ILE B 111 1.31 15.48 -8.94
C ILE B 111 2.15 15.53 -7.67
N ARG B 112 3.43 15.17 -7.77
CA ARG B 112 4.34 15.27 -6.63
C ARG B 112 4.30 16.66 -6.01
N ASN B 113 4.39 17.70 -6.85
CA ASN B 113 4.44 19.06 -6.33
C ASN B 113 3.15 19.42 -5.63
N GLN B 114 2.02 18.99 -6.19
CA GLN B 114 0.73 19.20 -5.51
C GLN B 114 0.71 18.49 -4.16
N ILE B 115 1.24 17.27 -4.09
CA ILE B 115 1.28 16.56 -2.81
C ILE B 115 2.08 17.36 -1.79
N ILE B 116 3.22 17.91 -2.20
CA ILE B 116 4.07 18.65 -1.28
C ILE B 116 3.37 19.92 -0.83
N ARG B 117 2.60 20.54 -1.73
CA ARG B 117 1.82 21.73 -1.41
C ARG B 117 0.74 21.41 -0.39
N GLU B 118 -0.01 20.33 -0.62
CA GLU B 118 -1.12 19.97 0.25
C GLU B 118 -0.63 19.63 1.65
N LEU B 119 0.47 18.87 1.75
CA LEU B 119 1.06 18.53 3.04
C LEU B 119 1.41 19.78 3.85
N GLN B 120 1.68 20.92 3.21
CA GLN B 120 2.06 22.11 3.98
C GLN B 120 0.96 22.54 4.94
N VAL B 121 -0.29 22.15 4.69
CA VAL B 121 -1.36 22.42 5.63
C VAL B 121 -1.07 21.80 6.99
N LEU B 122 -0.21 20.79 7.05
CA LEU B 122 0.14 20.19 8.33
C LEU B 122 0.77 21.19 9.28
N HIS B 123 1.29 22.31 8.77
CA HIS B 123 1.79 23.35 9.66
C HIS B 123 0.67 23.96 10.49
N GLU B 124 -0.56 23.89 10.01
CA GLU B 124 -1.71 24.40 10.74
C GLU B 124 -2.38 23.36 11.64
N CYS B 125 -1.86 22.14 11.72
CA CYS B 125 -2.54 21.08 12.47
C CYS B 125 -1.87 20.94 13.81
N ASN B 126 -2.29 21.80 14.74
CA ASN B 126 -1.71 21.84 16.07
C ASN B 126 -2.80 21.65 17.11
N SER B 127 -2.75 20.50 17.78
CA SER B 127 -3.76 20.01 18.69
C SER B 127 -3.06 19.03 19.61
N PRO B 128 -3.42 18.97 20.89
CA PRO B 128 -2.84 17.92 21.75
C PRO B 128 -3.11 16.51 21.23
N TYR B 129 -4.08 16.31 20.35
CA TYR B 129 -4.40 14.98 19.87
C TYR B 129 -3.90 14.71 18.46
N ILE B 130 -3.02 15.57 17.94
CA ILE B 130 -2.49 15.41 16.59
C ILE B 130 -0.98 15.40 16.69
N VAL B 131 -0.36 14.38 16.09
CA VAL B 131 1.09 14.31 16.01
C VAL B 131 1.63 15.59 15.40
N GLY B 132 2.55 16.25 16.12
CA GLY B 132 3.12 17.49 15.61
C GLY B 132 3.88 17.26 14.31
N PHE B 133 4.09 18.36 13.59
CA PHE B 133 4.64 18.32 12.25
C PHE B 133 5.75 19.35 12.12
N TYR B 134 6.85 18.96 11.46
CA TYR B 134 7.96 19.87 11.19
C TYR B 134 8.08 20.27 9.74
N GLY B 135 7.72 19.41 8.80
CA GLY B 135 7.97 19.74 7.42
C GLY B 135 7.81 18.57 6.47
N ALA B 136 7.51 18.91 5.22
CA ALA B 136 7.41 17.93 4.16
C ALA B 136 8.19 18.47 2.97
N PHE B 137 9.07 17.65 2.41
CA PHE B 137 9.81 18.09 1.24
C PHE B 137 10.09 16.90 0.34
N TYR B 138 10.64 17.19 -0.84
CA TYR B 138 11.00 16.17 -1.81
C TYR B 138 12.49 16.21 -2.07
N SER B 139 13.12 15.04 -2.13
CA SER B 139 14.54 14.99 -2.46
C SER B 139 14.94 13.55 -2.73
N ASP B 140 15.83 13.35 -3.71
CA ASP B 140 16.36 12.02 -3.97
C ASP B 140 15.25 11.02 -4.25
N GLY B 141 14.27 11.42 -5.06
CA GLY B 141 13.17 10.53 -5.38
C GLY B 141 12.21 10.22 -4.24
N GLU B 142 12.31 10.91 -3.10
CA GLU B 142 11.56 10.52 -1.92
C GLU B 142 10.81 11.70 -1.33
N ILE B 143 9.54 11.47 -0.99
CA ILE B 143 8.78 12.41 -0.20
C ILE B 143 9.11 12.15 1.27
N SER B 144 9.60 13.19 1.96
CA SER B 144 9.84 13.13 3.40
C SER B 144 8.76 13.91 4.11
N ILE B 145 8.21 13.31 5.16
CA ILE B 145 7.29 13.97 6.08
C ILE B 145 7.93 13.85 7.45
N CYS B 146 8.32 14.98 8.03
CA CYS B 146 9.06 15.01 9.28
C CYS B 146 8.12 15.41 10.40
N MET B 147 7.91 14.51 11.35
CA MET B 147 7.01 14.77 12.45
C MET B 147 7.69 14.59 13.80
N GLU B 148 6.96 14.98 14.82
CA GLU B 148 7.35 14.74 16.20
C GLU B 148 7.59 13.24 16.43
N HIS B 149 8.65 12.91 17.18
CA HIS B 149 8.94 11.52 17.52
C HIS B 149 8.15 11.10 18.77
N MET B 150 7.34 10.06 18.65
CA MET B 150 6.52 9.53 19.72
C MET B 150 7.20 8.29 20.31
N ASP B 151 7.78 8.43 21.51
CA ASP B 151 8.60 7.34 22.02
C ASP B 151 7.79 6.13 22.47
N GLY B 152 6.47 6.23 22.56
CA GLY B 152 5.74 5.01 22.84
C GLY B 152 5.43 4.17 21.62
N GLY B 153 5.73 4.66 20.42
CA GLY B 153 5.33 3.96 19.22
C GLY B 153 3.84 4.07 18.95
N SER B 154 3.37 3.24 18.04
CA SER B 154 1.97 3.18 17.72
C SER B 154 1.27 2.22 18.67
N LEU B 155 -0.06 2.32 18.72
CA LEU B 155 -0.83 1.42 19.57
C LEU B 155 -0.80 0.00 19.04
N ASP B 156 -0.47 -0.15 17.76
CA ASP B 156 -0.22 -1.45 17.18
C ASP B 156 0.98 -2.15 17.86
N GLN B 157 2.12 -1.45 17.94
CA GLN B 157 3.27 -1.95 18.68
C GLN B 157 2.92 -2.18 20.14
N VAL B 158 2.25 -1.20 20.75
CA VAL B 158 1.90 -1.30 22.17
C VAL B 158 1.00 -2.49 22.41
N LEU B 159 0.07 -2.73 21.48
CA LEU B 159 -0.83 -3.87 21.59
C LEU B 159 -0.06 -5.17 21.59
N LYS B 160 0.95 -5.29 20.72
CA LYS B 160 1.73 -6.51 20.73
C LYS B 160 2.45 -6.70 22.06
N LYS B 161 2.93 -5.61 22.66
CA LYS B 161 3.65 -5.77 23.92
C LYS B 161 2.71 -5.99 25.09
N ALA B 162 1.49 -5.53 25.00
CA ALA B 162 0.52 -5.65 26.07
C ALA B 162 -0.29 -6.92 26.02
N GLY B 163 -0.35 -7.59 24.86
CA GLY B 163 -1.34 -8.65 24.67
C GLY B 163 -2.71 -8.07 24.36
N ARG B 164 -3.33 -7.51 25.38
CA ARG B 164 -4.59 -6.82 25.26
C ARG B 164 -4.46 -5.51 26.02
N ILE B 165 -5.14 -4.47 25.56
CA ILE B 165 -5.15 -3.18 26.23
C ILE B 165 -6.38 -3.08 27.11
N PRO B 166 -6.25 -2.73 28.39
CA PRO B 166 -7.40 -2.71 29.31
C PRO B 166 -8.44 -1.67 28.92
N GLU B 167 -9.69 -1.98 29.26
CA GLU B 167 -10.81 -1.11 28.91
C GLU B 167 -10.60 0.31 29.40
N GLN B 168 -10.08 0.48 30.63
CA GLN B 168 -9.95 1.83 31.16
C GLN B 168 -8.90 2.63 30.41
N ILE B 169 -7.88 1.95 29.87
CA ILE B 169 -6.94 2.60 28.97
C ILE B 169 -7.63 2.92 27.65
N LEU B 170 -8.44 1.99 27.15
CA LEU B 170 -9.14 2.21 25.89
C LEU B 170 -10.10 3.39 25.96
N GLY B 171 -10.70 3.63 27.12
CA GLY B 171 -11.47 4.85 27.31
C GLY B 171 -10.67 6.10 27.03
N LYS B 172 -9.46 6.20 27.57
CA LYS B 172 -8.64 7.39 27.30
C LYS B 172 -8.26 7.47 25.84
N VAL B 173 -8.01 6.32 25.22
CA VAL B 173 -7.68 6.34 23.80
C VAL B 173 -8.86 6.85 23.00
N SER B 174 -10.08 6.44 23.38
CA SER B 174 -11.25 6.84 22.62
C SER B 174 -11.46 8.34 22.70
N ILE B 175 -11.28 8.89 23.89
CA ILE B 175 -11.42 10.34 24.06
C ILE B 175 -10.44 11.05 23.14
N ALA B 176 -9.18 10.57 23.11
CA ALA B 176 -8.17 11.23 22.29
C ALA B 176 -8.49 11.09 20.80
N VAL B 177 -8.95 9.91 20.37
CA VAL B 177 -9.27 9.74 18.96
C VAL B 177 -10.48 10.60 18.58
N ILE B 178 -11.55 10.53 19.39
CA ILE B 178 -12.71 11.36 19.09
C ILE B 178 -12.31 12.82 19.01
N LYS B 179 -11.48 13.27 19.95
CA LYS B 179 -11.11 14.69 19.96
C LYS B 179 -10.19 15.03 18.79
N GLY B 180 -9.26 14.14 18.45
CA GLY B 180 -8.45 14.35 17.26
C GLY B 180 -9.29 14.44 16.00
N LEU B 181 -10.21 13.50 15.81
CA LEU B 181 -11.08 13.53 14.64
C LEU B 181 -11.94 14.78 14.64
N THR B 182 -12.38 15.21 15.82
CA THR B 182 -13.18 16.43 15.88
C THR B 182 -12.35 17.64 15.49
N TYR B 183 -11.15 17.76 16.06
CA TYR B 183 -10.25 18.84 15.68
C TYR B 183 -10.05 18.87 14.17
N LEU B 184 -9.72 17.72 13.57
CA LEU B 184 -9.41 17.71 12.14
C LEU B 184 -10.62 18.12 11.31
N ARG B 185 -11.82 17.67 11.69
CA ARG B 185 -13.01 17.96 10.91
C ARG B 185 -13.46 19.41 11.10
N GLU B 186 -13.52 19.88 12.35
CA GLU B 186 -14.04 21.21 12.63
C GLU B 186 -13.06 22.32 12.21
N LYS B 187 -11.77 22.15 12.51
CA LYS B 187 -10.82 23.22 12.23
C LYS B 187 -10.25 23.17 10.82
N HIS B 188 -10.29 22.02 10.14
CA HIS B 188 -9.66 21.88 8.83
C HIS B 188 -10.51 21.20 7.77
N LYS B 189 -11.73 20.76 8.07
CA LYS B 189 -12.54 19.96 7.14
C LYS B 189 -11.87 18.66 6.73
N ILE B 190 -10.87 18.21 7.48
CA ILE B 190 -10.11 17.02 7.13
C ILE B 190 -10.83 15.77 7.63
N MET B 191 -10.93 14.77 6.77
CA MET B 191 -11.37 13.44 7.16
C MET B 191 -10.15 12.53 7.28
N HIS B 192 -10.04 11.83 8.41
CA HIS B 192 -8.82 11.07 8.66
C HIS B 192 -8.58 10.05 7.55
N ARG B 193 -9.55 9.16 7.32
CA ARG B 193 -9.53 8.13 6.27
C ARG B 193 -8.56 6.99 6.54
N ASP B 194 -7.81 7.01 7.64
CA ASP B 194 -6.93 5.87 7.93
C ASP B 194 -6.79 5.63 9.43
N VAL B 195 -7.92 5.59 10.15
CA VAL B 195 -7.85 5.34 11.57
C VAL B 195 -7.55 3.86 11.79
N LYS B 196 -6.48 3.57 12.57
CA LYS B 196 -6.18 2.21 12.97
C LYS B 196 -5.09 2.23 14.04
N PRO B 197 -4.84 1.11 14.73
CA PRO B 197 -3.86 1.18 15.83
C PRO B 197 -2.50 1.72 15.44
N SER B 198 -1.99 1.37 14.25
CA SER B 198 -0.67 1.85 13.86
C SER B 198 -0.62 3.34 13.58
N ASN B 199 -1.76 4.03 13.53
CA ASN B 199 -1.76 5.47 13.29
C ASN B 199 -2.24 6.26 14.49
N ILE B 200 -2.40 5.61 15.63
CA ILE B 200 -2.55 6.29 16.91
C ILE B 200 -1.21 6.16 17.62
N LEU B 201 -0.52 7.27 17.81
CA LEU B 201 0.78 7.25 18.48
C LEU B 201 0.64 7.74 19.92
N VAL B 202 1.49 7.20 20.80
CA VAL B 202 1.52 7.55 22.20
C VAL B 202 2.95 7.87 22.61
N ASN B 203 3.11 8.53 23.75
CA ASN B 203 4.45 8.81 24.25
C ASN B 203 4.48 8.72 25.77
N SER B 204 5.70 8.74 26.31
CA SER B 204 5.89 8.52 27.74
C SER B 204 5.36 9.67 28.61
N ARG B 205 5.00 10.80 28.01
CA ARG B 205 4.26 11.82 28.74
C ARG B 205 2.80 11.46 28.86
N GLY B 206 2.35 10.41 28.20
CA GLY B 206 0.95 10.05 28.21
C GLY B 206 0.11 10.66 27.12
N GLU B 207 0.69 11.30 26.13
CA GLU B 207 -0.14 11.88 25.10
C GLU B 207 -0.56 10.80 24.12
N ILE B 208 -1.74 10.96 23.56
CA ILE B 208 -2.26 10.05 22.55
C ILE B 208 -2.63 10.89 21.34
N LYS B 209 -2.04 10.58 20.19
CA LYS B 209 -2.16 11.49 19.06
C LYS B 209 -2.39 10.73 17.77
N LEU B 210 -3.23 11.31 16.92
CA LEU B 210 -3.54 10.78 15.61
C LEU B 210 -2.46 11.18 14.61
N CYS B 211 -2.19 10.30 13.65
CA CYS B 211 -1.24 10.58 12.58
CA CYS B 211 -1.29 10.65 12.56
C CYS B 211 -1.76 9.99 11.27
N ASP B 212 -1.09 10.35 10.17
CA ASP B 212 -1.32 9.72 8.86
C ASP B 212 -2.75 9.95 8.36
N PHE B 213 -3.34 11.09 8.70
CA PHE B 213 -4.67 11.44 8.22
C PHE B 213 -4.62 12.12 6.84
N GLY B 214 -5.78 12.21 6.22
CA GLY B 214 -5.86 12.57 4.81
C GLY B 214 -5.80 14.05 4.52
N VAL B 215 -4.67 14.68 4.84
CA VAL B 215 -4.52 16.10 4.53
C VAL B 215 -4.31 16.32 3.04
N SER B 216 -3.92 15.29 2.30
CA SER B 216 -3.57 15.39 0.88
C SER B 216 -4.30 14.28 0.13
N GLY B 217 -5.35 14.64 -0.62
CA GLY B 217 -6.06 13.63 -1.36
C GLY B 217 -5.25 13.11 -2.52
N GLN B 218 -4.30 13.89 -2.98
CA GLN B 218 -3.39 13.44 -4.02
C GLN B 218 -2.45 12.35 -3.49
N LEU B 219 -1.95 12.52 -2.27
CA LEU B 219 -1.12 11.49 -1.68
C LEU B 219 -1.89 10.20 -1.50
N ILE B 220 -3.11 10.29 -0.96
CA ILE B 220 -3.95 9.11 -0.83
C ILE B 220 -4.12 8.42 -2.17
N ASP B 221 -4.43 9.19 -3.20
CA ASP B 221 -4.69 8.56 -4.50
C ASP B 221 -3.43 7.89 -5.05
N ALA B 222 -2.29 8.58 -4.98
CA ALA B 222 -1.05 7.99 -5.44
C ALA B 222 -0.73 6.72 -4.67
N MET B 223 -1.08 6.69 -3.39
CA MET B 223 -0.73 5.45 -2.69
C MET B 223 -1.71 4.34 -3.00
N ALA B 224 -2.96 4.69 -3.33
CA ALA B 224 -3.89 3.65 -3.74
C ALA B 224 -3.39 2.96 -5.00
N ASN B 225 -2.76 3.73 -5.90
CA ASN B 225 -2.29 3.13 -7.13
C ASN B 225 -1.04 2.28 -6.94
N ALA B 226 -0.27 2.48 -5.88
CA ALA B 226 1.07 1.89 -5.83
C ALA B 226 1.24 0.73 -4.84
N PHE B 227 0.41 0.62 -3.81
CA PHE B 227 0.60 -0.40 -2.78
C PHE B 227 -0.71 -1.12 -2.45
N VAL B 228 -0.60 -2.17 -1.61
CA VAL B 228 -1.74 -2.88 -1.02
C VAL B 228 -1.44 -3.22 0.42
N GLY B 229 -2.50 -3.22 1.24
CA GLY B 229 -2.41 -3.77 2.56
C GLY B 229 -2.69 -5.26 2.56
N THR B 230 -2.65 -5.81 3.76
CA THR B 230 -3.04 -7.19 4.00
C THR B 230 -4.30 -7.29 4.83
N ARG B 231 -4.71 -6.19 5.47
CA ARG B 231 -5.94 -6.13 6.23
C ARG B 231 -6.56 -4.75 6.00
N SER B 232 -7.75 -4.51 6.54
CA SER B 232 -8.40 -3.25 6.25
C SER B 232 -9.29 -2.81 7.39
N TYR B 233 -9.29 -1.51 7.65
CA TYR B 233 -10.21 -0.90 8.61
C TYR B 233 -11.24 -0.02 7.90
N MET B 234 -11.39 -0.18 6.58
CA MET B 234 -12.34 0.61 5.80
C MET B 234 -13.79 0.23 6.14
N SER B 235 -14.64 1.23 6.22
CA SER B 235 -16.04 0.98 6.58
C SER B 235 -16.76 0.30 5.41
N PRO B 236 -17.82 -0.46 5.72
CA PRO B 236 -18.55 -1.14 4.63
C PRO B 236 -19.12 -0.20 3.58
N GLU B 237 -19.63 0.97 3.98
CA GLU B 237 -20.24 1.81 2.96
C GLU B 237 -19.18 2.40 2.02
N ARG B 238 -17.97 2.70 2.53
CA ARG B 238 -16.96 3.24 1.61
C ARG B 238 -16.41 2.15 0.70
N LEU B 239 -16.42 0.90 1.17
CA LEU B 239 -16.02 -0.18 0.29
C LEU B 239 -16.93 -0.25 -0.93
N GLN B 240 -18.19 0.12 -0.77
CA GLN B 240 -19.17 0.12 -1.84
C GLN B 240 -19.26 1.46 -2.54
N GLY B 241 -18.39 2.41 -2.21
CA GLY B 241 -18.35 3.67 -2.94
C GLY B 241 -19.29 4.74 -2.43
N THR B 242 -19.79 4.60 -1.22
CA THR B 242 -20.68 5.56 -0.58
C THR B 242 -19.89 6.41 0.41
N HIS B 243 -20.06 7.71 0.36
CA HIS B 243 -19.24 8.63 1.15
C HIS B 243 -20.13 9.27 2.23
N TYR B 244 -19.92 8.87 3.48
CA TYR B 244 -20.65 9.47 4.58
C TYR B 244 -19.69 10.20 5.52
N SER B 245 -19.00 11.23 5.04
CA SER B 245 -18.07 12.05 5.82
C SER B 245 -17.28 11.24 6.84
N VAL B 246 -17.29 11.67 8.11
CA VAL B 246 -16.43 11.04 9.11
C VAL B 246 -17.04 9.79 9.71
N GLN B 247 -18.21 9.36 9.21
CA GLN B 247 -18.81 8.15 9.76
C GLN B 247 -17.92 6.94 9.52
N SER B 248 -17.13 6.94 8.46
CA SER B 248 -16.24 5.80 8.24
C SER B 248 -15.05 5.81 9.18
N ASP B 249 -14.56 6.99 9.57
CA ASP B 249 -13.51 7.03 10.59
C ASP B 249 -14.02 6.49 11.92
N ILE B 250 -15.29 6.76 12.23
CA ILE B 250 -15.86 6.22 13.45
C ILE B 250 -15.94 4.70 13.38
N TRP B 251 -16.36 4.16 12.23
CA TRP B 251 -16.32 2.72 12.05
C TRP B 251 -14.90 2.18 12.27
N SER B 252 -13.90 2.83 11.68
CA SER B 252 -12.52 2.38 11.84
C SER B 252 -12.11 2.37 13.29
N MET B 253 -12.46 3.43 14.02
CA MET B 253 -12.17 3.49 15.45
C MET B 253 -12.77 2.31 16.19
N GLY B 254 -14.06 2.08 16.01
CA GLY B 254 -14.70 0.96 16.67
C GLY B 254 -13.99 -0.33 16.41
N LEU B 255 -13.62 -0.56 15.15
CA LEU B 255 -12.89 -1.77 14.80
C LEU B 255 -11.57 -1.82 15.55
N SER B 256 -10.85 -0.68 15.58
CA SER B 256 -9.58 -0.62 16.28
C SER B 256 -9.75 -0.88 17.78
N LEU B 257 -10.86 -0.42 18.37
CA LEU B 257 -11.06 -0.62 19.80
C LEU B 257 -11.33 -2.09 20.10
N VAL B 258 -12.07 -2.76 19.20
CA VAL B 258 -12.28 -4.20 19.40
C VAL B 258 -10.95 -4.93 19.29
N GLU B 259 -10.15 -4.59 18.29
CA GLU B 259 -8.88 -5.30 18.12
C GLU B 259 -7.97 -5.11 19.33
N MET B 260 -7.90 -3.89 19.86
CA MET B 260 -7.06 -3.66 21.04
C MET B 260 -7.65 -4.27 22.31
N ALA B 261 -8.98 -4.37 22.39
CA ALA B 261 -9.56 -4.97 23.57
C ALA B 261 -9.29 -6.46 23.63
N VAL B 262 -9.42 -7.16 22.50
CA VAL B 262 -9.31 -8.62 22.51
C VAL B 262 -7.93 -9.10 22.10
N GLY B 263 -7.08 -8.24 21.56
CA GLY B 263 -5.72 -8.59 21.24
C GLY B 263 -5.53 -9.20 19.87
N ARG B 264 -6.42 -8.94 18.93
CA ARG B 264 -6.47 -9.68 17.68
C ARG B 264 -7.33 -8.89 16.71
N TYR B 265 -6.83 -8.71 15.49
CA TYR B 265 -7.64 -8.07 14.46
C TYR B 265 -8.94 -8.86 14.31
N PRO B 266 -10.09 -8.20 14.37
CA PRO B 266 -11.36 -8.91 14.64
C PRO B 266 -12.16 -9.35 13.43
N ILE B 267 -11.65 -9.24 12.21
CA ILE B 267 -12.29 -9.76 11.01
C ILE B 267 -11.50 -10.97 10.56
N PRO B 268 -12.11 -12.17 10.45
CA PRO B 268 -13.43 -12.62 10.89
C PRO B 268 -13.45 -12.82 12.42
N PRO B 269 -14.64 -12.94 13.01
CA PRO B 269 -14.72 -13.02 14.46
C PRO B 269 -14.02 -14.24 14.98
N PRO B 270 -13.55 -14.22 16.23
CA PRO B 270 -12.88 -15.37 16.81
C PRO B 270 -13.81 -16.56 16.89
N ASP B 271 -13.26 -17.74 16.66
CA ASP B 271 -14.03 -18.99 16.62
C ASP B 271 -14.02 -19.67 17.98
N ALA B 272 -15.10 -19.49 18.74
CA ALA B 272 -15.46 -20.37 19.85
C ALA B 272 -14.42 -20.45 20.96
N LYS B 273 -13.68 -21.57 21.01
CA LYS B 273 -12.67 -21.75 22.05
C LYS B 273 -11.50 -20.80 21.90
N GLU B 274 -11.28 -20.27 20.68
CA GLU B 274 -10.34 -19.17 20.49
C GLU B 274 -10.67 -18.02 21.44
N LEU B 275 -11.96 -17.73 21.61
CA LEU B 275 -12.39 -16.62 22.45
C LEU B 275 -12.10 -16.88 23.92
N GLU B 276 -12.23 -18.13 24.38
CA GLU B 276 -12.05 -18.44 25.80
C GLU B 276 -10.58 -18.38 26.22
N LEU B 277 -9.63 -18.47 25.28
CA LEU B 277 -8.27 -18.04 25.57
C LEU B 277 -8.32 -16.50 25.64
N MET B 278 -8.82 -16.02 26.78
CA MET B 278 -9.08 -14.61 27.05
C MET B 278 -8.36 -14.19 28.31
N PRO B 311 -5.11 -17.66 7.57
CA PRO B 311 -5.12 -16.19 7.44
C PRO B 311 -5.91 -15.73 6.21
N MET B 312 -6.83 -14.80 6.41
CA MET B 312 -7.75 -14.39 5.36
C MET B 312 -7.10 -13.36 4.43
N ALA B 313 -7.23 -13.56 3.13
CA ALA B 313 -6.67 -12.64 2.15
C ALA B 313 -7.44 -11.31 2.14
N ILE B 314 -6.81 -10.27 1.58
CA ILE B 314 -7.39 -8.92 1.65
C ILE B 314 -8.80 -8.90 1.06
N PHE B 315 -9.01 -9.51 -0.11
CA PHE B 315 -10.35 -9.41 -0.69
C PHE B 315 -11.40 -10.04 0.20
N GLU B 316 -11.13 -11.23 0.76
CA GLU B 316 -12.13 -11.88 1.60
C GLU B 316 -12.44 -11.05 2.84
N LEU B 317 -11.42 -10.41 3.43
CA LEU B 317 -11.67 -9.52 4.55
C LEU B 317 -12.63 -8.41 4.15
N LEU B 318 -12.42 -7.81 2.98
CA LEU B 318 -13.31 -6.74 2.55
C LEU B 318 -14.72 -7.26 2.31
N ASP B 319 -14.83 -8.41 1.66
CA ASP B 319 -16.12 -9.02 1.42
C ASP B 319 -16.83 -9.32 2.73
N TYR B 320 -16.06 -9.69 3.75
CA TYR B 320 -16.65 -9.98 5.05
C TYR B 320 -17.20 -8.72 5.68
N ILE B 321 -16.40 -7.66 5.67
CA ILE B 321 -16.84 -6.36 6.19
C ILE B 321 -18.17 -5.96 5.56
N VAL B 322 -18.31 -6.17 4.25
CA VAL B 322 -19.48 -5.68 3.52
C VAL B 322 -20.69 -6.55 3.78
N ASN B 323 -20.49 -7.87 3.84
CA ASN B 323 -21.60 -8.80 3.74
C ASN B 323 -21.93 -9.51 5.03
N GLU B 324 -21.12 -9.38 6.07
CA GLU B 324 -21.30 -10.07 7.34
C GLU B 324 -21.58 -9.07 8.46
N PRO B 325 -22.19 -9.52 9.56
CA PRO B 325 -22.48 -8.59 10.64
C PRO B 325 -21.19 -8.07 11.25
N PRO B 326 -21.20 -6.86 11.79
CA PRO B 326 -19.97 -6.26 12.30
C PRO B 326 -19.45 -7.03 13.51
N PRO B 327 -18.18 -6.88 13.85
CA PRO B 327 -17.66 -7.52 15.06
C PRO B 327 -18.22 -6.87 16.31
N LYS B 328 -18.06 -7.57 17.43
CA LYS B 328 -18.54 -7.08 18.70
C LYS B 328 -17.62 -7.59 19.79
N LEU B 329 -17.62 -6.91 20.94
CA LEU B 329 -16.82 -7.38 22.05
C LEU B 329 -17.42 -8.64 22.65
N PRO B 330 -16.61 -9.48 23.29
CA PRO B 330 -17.16 -10.58 24.09
C PRO B 330 -17.97 -10.06 25.26
N SER B 331 -19.07 -10.74 25.54
CA SER B 331 -19.90 -10.35 26.66
C SER B 331 -19.27 -10.84 27.97
N GLY B 332 -19.60 -10.15 29.06
CA GLY B 332 -19.13 -10.55 30.37
C GLY B 332 -17.74 -10.05 30.66
N VAL B 333 -16.88 -9.98 29.64
CA VAL B 333 -15.51 -9.57 29.85
C VAL B 333 -15.43 -8.04 29.96
N PHE B 334 -16.30 -7.30 29.28
CA PHE B 334 -16.24 -5.85 29.23
C PHE B 334 -17.52 -5.21 29.76
N SER B 335 -17.41 -3.96 30.22
CA SER B 335 -18.58 -3.28 30.76
C SER B 335 -19.63 -3.11 29.66
N LEU B 336 -20.89 -2.98 30.10
CA LEU B 336 -21.98 -2.83 29.16
C LEU B 336 -21.86 -1.53 28.39
N GLU B 337 -21.38 -0.47 29.04
CA GLU B 337 -21.20 0.81 28.35
C GLU B 337 -20.18 0.69 27.22
N PHE B 338 -19.05 0.02 27.48
CA PHE B 338 -18.03 -0.16 26.46
C PHE B 338 -18.55 -0.99 25.30
N GLN B 339 -19.32 -2.05 25.61
CA GLN B 339 -19.91 -2.84 24.54
C GLN B 339 -20.88 -2.01 23.71
N ASP B 340 -21.75 -1.22 24.37
CA ASP B 340 -22.65 -0.34 23.64
C ASP B 340 -21.88 0.70 22.84
N PHE B 341 -20.79 1.23 23.40
CA PHE B 341 -20.00 2.23 22.70
C PHE B 341 -19.45 1.69 21.38
N VAL B 342 -18.84 0.49 21.41
CA VAL B 342 -18.30 -0.02 20.15
C VAL B 342 -19.42 -0.46 19.22
N ASN B 343 -20.54 -0.96 19.76
CA ASN B 343 -21.64 -1.36 18.91
C ASN B 343 -22.16 -0.17 18.11
N LYS B 344 -22.39 0.95 18.79
CA LYS B 344 -22.80 2.17 18.10
C LYS B 344 -21.78 2.60 17.05
N CYS B 345 -20.50 2.37 17.29
CA CYS B 345 -19.49 2.68 16.27
C CYS B 345 -19.56 1.73 15.09
N LEU B 346 -20.00 0.50 15.29
CA LEU B 346 -19.84 -0.52 14.26
C LEU B 346 -21.14 -0.82 13.55
N ILE B 347 -22.15 0.02 13.70
CA ILE B 347 -23.37 -0.14 12.92
C ILE B 347 -23.03 0.00 11.44
N LYS B 348 -23.49 -0.97 10.64
CA LYS B 348 -23.14 -0.98 9.22
C LYS B 348 -23.80 0.18 8.48
N ASN B 349 -25.04 0.49 8.86
CA ASN B 349 -25.70 1.66 8.31
C ASN B 349 -24.96 2.92 8.75
N PRO B 350 -24.35 3.66 7.84
CA PRO B 350 -23.50 4.79 8.27
C PRO B 350 -24.28 5.95 8.86
N ALA B 351 -25.60 6.02 8.61
CA ALA B 351 -26.41 7.06 9.23
C ALA B 351 -26.87 6.66 10.62
N GLU B 352 -27.15 5.37 10.85
CA GLU B 352 -27.53 4.96 12.20
C GLU B 352 -26.31 4.89 13.10
N ARG B 353 -25.13 4.69 12.52
CA ARG B 353 -23.88 4.80 13.26
C ARG B 353 -23.80 6.13 14.00
N ALA B 354 -23.28 6.08 15.21
CA ALA B 354 -23.11 7.31 15.99
C ALA B 354 -22.15 8.26 15.27
N ASP B 355 -22.36 9.56 15.44
CA ASP B 355 -21.38 10.52 14.95
C ASP B 355 -20.52 11.05 16.10
N LEU B 356 -19.62 11.98 15.79
CA LEU B 356 -18.64 12.43 16.78
C LEU B 356 -19.31 13.13 17.95
N LYS B 357 -20.30 14.00 17.69
CA LYS B 357 -20.98 14.66 18.79
C LYS B 357 -21.66 13.64 19.72
N GLN B 358 -22.31 12.62 19.15
CA GLN B 358 -23.02 11.62 19.96
C GLN B 358 -22.05 10.75 20.76
N LEU B 359 -20.89 10.42 20.20
CA LEU B 359 -19.95 9.61 20.95
C LEU B 359 -19.38 10.37 22.14
N MET B 360 -19.17 11.67 21.97
CA MET B 360 -18.51 12.44 23.02
C MET B 360 -19.34 12.48 24.31
N VAL B 361 -20.66 12.30 24.21
CA VAL B 361 -21.49 12.26 25.40
C VAL B 361 -21.99 10.86 25.71
N HIS B 362 -21.47 9.84 25.05
CA HIS B 362 -21.86 8.47 25.37
C HIS B 362 -21.40 8.09 26.78
N ALA B 363 -22.18 7.19 27.42
CA ALA B 363 -21.91 6.82 28.81
C ALA B 363 -20.48 6.30 29.01
N PHE B 364 -19.96 5.52 28.05
CA PHE B 364 -18.60 5.02 28.15
C PHE B 364 -17.59 6.17 28.24
N ILE B 365 -17.79 7.19 27.41
CA ILE B 365 -16.88 8.34 27.39
C ILE B 365 -17.06 9.20 28.64
N LYS B 366 -18.30 9.48 29.02
CA LYS B 366 -18.54 10.23 30.25
C LYS B 366 -17.84 9.56 31.44
N ARG B 367 -17.95 8.23 31.52
CA ARG B 367 -17.28 7.48 32.59
C ARG B 367 -15.76 7.53 32.46
N SER B 368 -15.23 7.27 31.25
CA SER B 368 -13.78 7.29 31.06
C SER B 368 -13.21 8.66 31.36
N ASP B 369 -13.89 9.71 30.93
CA ASP B 369 -13.36 11.06 31.09
C ASP B 369 -13.21 11.40 32.57
N ALA B 370 -14.02 10.80 33.43
CA ALA B 370 -13.95 11.08 34.86
C ALA B 370 -13.04 10.13 35.62
N GLU B 371 -12.55 9.05 35.00
CA GLU B 371 -11.66 8.13 35.70
C GLU B 371 -10.25 8.68 35.70
N GLU B 372 -9.58 8.53 36.83
CA GLU B 372 -8.16 8.84 36.91
C GLU B 372 -7.41 7.58 36.53
N VAL B 373 -6.74 7.63 35.39
CA VAL B 373 -5.99 6.54 34.80
C VAL B 373 -4.58 7.05 34.55
N ASP B 374 -3.59 6.42 35.16
CA ASP B 374 -2.20 6.79 34.93
C ASP B 374 -1.75 6.22 33.58
N PHE B 375 -2.23 6.85 32.52
CA PHE B 375 -1.96 6.33 31.19
C PHE B 375 -0.45 6.28 30.92
N ALA B 376 0.27 7.36 31.23
CA ALA B 376 1.72 7.35 31.05
C ALA B 376 2.36 6.24 31.88
N GLY B 377 1.90 6.05 33.10
CA GLY B 377 2.46 4.97 33.90
C GLY B 377 2.21 3.63 33.28
N TRP B 378 1.01 3.40 32.78
CA TRP B 378 0.68 2.09 32.24
C TRP B 378 1.45 1.82 30.96
N LEU B 379 1.67 2.86 30.16
CA LEU B 379 2.36 2.69 28.89
C LEU B 379 3.84 2.38 29.11
N CYS B 380 4.52 3.18 29.93
CA CYS B 380 5.92 2.89 30.18
C CYS B 380 6.08 1.50 30.77
N SER B 381 5.20 1.13 31.70
CA SER B 381 5.24 -0.23 32.25
C SER B 381 5.06 -1.27 31.15
N THR B 382 4.07 -1.09 30.29
CA THR B 382 3.84 -2.06 29.22
C THR B 382 5.06 -2.18 28.30
N ILE B 383 5.70 -1.06 27.99
CA ILE B 383 6.79 -1.02 27.02
C ILE B 383 8.13 -1.40 27.61
N GLY B 384 8.28 -1.28 28.93
CA GLY B 384 9.56 -1.52 29.58
C GLY B 384 10.38 -0.29 29.85
N LEU B 385 9.88 0.90 29.51
CA LEU B 385 10.58 2.15 29.75
C LEU B 385 10.45 2.59 31.21
N ASN B 386 11.16 3.67 31.55
CA ASN B 386 11.12 4.29 32.86
C ASN B 386 10.12 5.46 32.89
N GLN B 387 9.10 5.34 33.74
CA GLN B 387 8.19 6.42 34.20
C GLN B 387 7.98 7.59 33.27
#